data_6VJQ
#
_entry.id   6VJQ
#
_entity_poly.entity_id   1
_entity_poly.type   'polypeptide(L)'
_entity_poly.pdbx_seq_one_letter_code
;CCI(DBB)GESPG(DAL)AP(DBB)NDYKC(DBB)KGRGPGGCY
;
_entity_poly.pdbx_strand_id   A
#
# COMPACT_ATOMS: atom_id res chain seq x y z
N CYS A 1 -4.97 -4.02 9.31
CA CYS A 1 -4.20 -4.68 8.22
C CYS A 1 -3.47 -3.62 7.40
N CYS A 2 -4.08 -2.45 7.26
CA CYS A 2 -3.48 -1.36 6.50
C CYS A 2 -2.54 -1.93 5.44
N ILE A 3 -3.07 -2.14 4.24
CA ILE A 3 -2.27 -2.68 3.15
C ILE A 3 -1.97 -4.16 3.41
N GLY A 5 -0.29 -4.96 6.33
CA GLY A 5 0.87 -4.94 7.20
C GLY A 5 2.13 -5.35 6.45
N GLU A 6 2.14 -5.09 5.14
CA GLU A 6 3.30 -5.45 4.33
C GLU A 6 4.03 -4.19 3.88
N SER A 7 3.46 -3.03 4.20
CA SER A 7 4.07 -1.77 3.83
C SER A 7 4.41 -0.95 5.07
N PRO A 8 5.04 0.18 4.89
CA PRO A 8 5.44 1.09 6.01
C PRO A 8 4.25 1.44 6.90
N GLY A 9 3.09 1.65 6.29
CA GLY A 9 1.89 1.99 7.04
C GLY A 9 0.71 2.24 6.10
N ALA A 11 -0.22 4.33 4.49
CA ALA A 11 0.24 4.93 3.24
C ALA A 11 -0.95 5.24 2.33
N PRO A 12 -1.78 6.16 2.74
CA PRO A 12 -2.98 6.58 1.96
C PRO A 12 -2.60 7.24 0.64
N ASN A 14 1.19 6.65 -0.21
CA ASN A 14 2.56 6.18 -0.33
C ASN A 14 2.59 4.70 -0.70
N ASP A 15 1.44 4.05 -0.62
CA ASP A 15 1.36 2.64 -0.96
C ASP A 15 -0.09 2.21 -1.15
N TYR A 16 -0.91 2.45 -0.13
CA TYR A 16 -2.32 2.08 -0.20
C TYR A 16 -3.00 2.81 -1.35
N LYS A 17 -3.05 2.15 -2.51
CA LYS A 17 -3.66 2.73 -3.69
C LYS A 17 -2.80 3.84 -4.27
N CYS A 18 -1.49 3.77 -4.01
CA CYS A 18 -0.56 4.77 -4.53
C CYS A 18 0.64 4.09 -5.18
N LYS A 20 3.44 5.02 -5.25
CA LYS A 20 4.63 5.23 -4.42
C LYS A 20 5.00 3.96 -3.68
N GLY A 21 3.99 3.26 -3.18
CA GLY A 21 4.22 2.02 -2.45
C GLY A 21 3.75 0.81 -3.25
N ARG A 22 4.51 -0.27 -3.19
CA ARG A 22 4.16 -1.48 -3.91
C ARG A 22 4.32 -2.71 -3.02
N GLY A 23 3.22 -3.13 -2.40
CA GLY A 23 3.25 -4.29 -1.52
C GLY A 23 2.45 -5.45 -2.12
N PRO A 24 1.32 -5.76 -1.54
CA PRO A 24 0.45 -6.85 -2.03
C PRO A 24 -0.21 -6.52 -3.36
N GLY A 25 -0.20 -5.24 -3.72
CA GLY A 25 -0.80 -4.80 -4.97
C GLY A 25 -1.58 -3.50 -4.76
N GLY A 26 -0.95 -2.53 -4.09
CA GLY A 26 -1.60 -1.25 -3.84
C GLY A 26 -0.89 -0.13 -4.59
N CYS A 27 -1.61 0.54 -5.48
CA CYS A 27 -1.03 1.63 -6.25
C CYS A 27 -2.12 2.65 -6.61
N TYR A 28 -1.70 3.86 -6.99
CA TYR A 28 -2.63 4.91 -7.37
C TYR A 28 -4.04 4.36 -7.54
N CYS A 1 -4.15 -2.95 10.22
CA CYS A 1 -3.33 -3.74 9.25
C CYS A 1 -2.62 -2.79 8.29
N CYS A 2 -3.37 -1.83 7.76
CA CYS A 2 -2.82 -0.86 6.82
C CYS A 2 -2.41 -1.56 5.54
N ILE A 3 -3.17 -1.32 4.47
CA ILE A 3 -2.87 -1.94 3.18
C ILE A 3 -2.93 -3.46 3.30
N GLY A 5 -1.52 -5.65 4.29
CA GLY A 5 -0.28 -6.29 3.85
C GLY A 5 0.84 -6.05 4.85
N GLU A 6 2.07 -6.03 4.36
CA GLU A 6 3.23 -5.80 5.21
C GLU A 6 3.79 -4.40 5.02
N SER A 7 3.09 -3.60 4.21
CA SER A 7 3.52 -2.23 3.95
C SER A 7 4.07 -1.59 5.22
N PRO A 8 4.91 -0.61 5.07
CA PRO A 8 5.52 0.12 6.22
C PRO A 8 4.48 0.62 7.22
N GLY A 9 3.34 1.08 6.70
CA GLY A 9 2.27 1.58 7.55
C GLY A 9 1.11 2.11 6.70
N ALA A 11 0.56 4.47 5.11
CA ALA A 11 1.03 4.90 3.80
C ALA A 11 -0.08 5.63 3.05
N PRO A 12 -0.47 6.78 3.55
CA PRO A 12 -1.55 7.60 2.92
C PRO A 12 -1.20 7.99 1.49
N ASN A 14 0.71 6.17 -0.38
CA ASN A 14 2.10 5.76 -0.55
C ASN A 14 2.19 4.28 -0.91
N ASP A 15 1.05 3.58 -0.81
CA ASP A 15 1.02 2.16 -1.13
C ASP A 15 -0.38 1.74 -1.58
N TYR A 16 -1.34 1.86 -0.67
CA TYR A 16 -2.72 1.48 -0.98
C TYR A 16 -3.37 2.53 -1.87
N LYS A 17 -3.76 2.14 -3.08
CA LYS A 17 -4.39 3.06 -4.00
C LYS A 17 -3.50 4.26 -4.27
N CYS A 18 -2.20 4.01 -4.45
CA CYS A 18 -1.25 5.08 -4.72
C CYS A 18 -0.32 4.69 -5.86
N LYS A 20 2.42 4.12 -5.73
CA LYS A 20 3.75 4.61 -5.38
C LYS A 20 4.45 3.66 -4.41
N GLY A 21 3.68 2.72 -3.88
CA GLY A 21 4.22 1.74 -2.93
C GLY A 21 4.28 0.35 -3.57
N ARG A 22 4.85 -0.60 -2.83
CA ARG A 22 4.97 -1.97 -3.32
C ARG A 22 3.97 -2.88 -2.60
N GLY A 23 3.31 -3.75 -3.35
CA GLY A 23 2.35 -4.67 -2.77
C GLY A 23 1.09 -4.75 -3.62
N PRO A 24 0.97 -5.77 -4.42
CA PRO A 24 -0.20 -5.98 -5.31
C PRO A 24 -1.51 -6.12 -4.52
N GLY A 25 -2.61 -5.65 -5.11
CA GLY A 25 -3.91 -5.73 -4.45
C GLY A 25 -4.21 -4.45 -3.70
N GLY A 26 -3.30 -3.48 -3.79
CA GLY A 26 -3.49 -2.20 -3.11
C GLY A 26 -2.66 -1.11 -3.78
N CYS A 27 -3.04 -0.74 -4.99
CA CYS A 27 -2.33 0.31 -5.72
C CYS A 27 -3.30 1.17 -6.53
N TYR A 28 -2.93 2.42 -6.75
CA TYR A 28 -3.78 3.32 -7.51
C TYR A 28 -5.19 3.36 -6.94
N CYS A 1 -2.86 -2.03 11.58
CA CYS A 1 -2.48 -2.10 10.14
C CYS A 1 -3.42 -1.22 9.33
N CYS A 2 -2.85 -0.32 8.52
CA CYS A 2 -3.65 0.58 7.69
C CYS A 2 -4.20 -0.14 6.48
N ILE A 3 -3.32 -0.43 5.51
CA ILE A 3 -3.75 -1.11 4.30
C ILE A 3 -4.24 -2.52 4.63
N GLY A 5 -1.79 -5.22 4.91
CA GLY A 5 -0.90 -6.12 4.19
C GLY A 5 0.54 -5.97 4.70
N GLU A 6 1.49 -6.14 3.79
CA GLU A 6 2.90 -6.03 4.14
C GLU A 6 3.45 -4.67 3.75
N SER A 7 2.58 -3.78 3.29
CA SER A 7 3.00 -2.45 2.87
C SER A 7 4.15 -1.96 3.74
N PRO A 8 4.92 -1.01 3.26
CA PRO A 8 6.07 -0.45 4.01
C PRO A 8 5.68 0.01 5.42
N GLY A 9 4.50 0.60 5.54
CA GLY A 9 4.02 1.07 6.83
C GLY A 9 2.71 1.83 6.68
N ALA A 11 1.33 4.27 5.66
CA ALA A 11 1.51 5.42 4.79
C ALA A 11 0.26 5.65 3.95
N PRO A 12 -0.75 6.24 4.54
CA PRO A 12 -2.03 6.54 3.84
C PRO A 12 -1.80 7.43 2.62
N ASN A 14 -0.39 6.65 0.24
CA ASN A 14 0.89 6.20 -0.32
C ASN A 14 0.86 4.70 -0.60
N ASP A 15 -0.28 4.08 -0.31
CA ASP A 15 -0.44 2.65 -0.53
C ASP A 15 -1.88 2.29 -0.84
N TYR A 16 -2.10 1.05 -1.29
CA TYR A 16 -3.45 0.59 -1.62
C TYR A 16 -3.80 0.97 -3.05
N LYS A 17 -4.24 2.21 -3.24
CA LYS A 17 -4.61 2.69 -4.57
C LYS A 17 -4.01 4.08 -4.82
N CYS A 18 -3.25 4.57 -3.85
CA CYS A 18 -2.63 5.88 -3.99
C CYS A 18 -1.38 5.82 -4.85
N LYS A 20 1.43 4.92 -5.26
CA LYS A 20 2.55 4.33 -4.54
C LYS A 20 2.06 3.27 -3.55
N GLY A 21 2.86 2.24 -3.36
CA GLY A 21 2.49 1.16 -2.43
C GLY A 21 3.30 -0.10 -2.72
N ARG A 22 3.06 -1.14 -1.94
CA ARG A 22 3.76 -2.41 -2.11
C ARG A 22 2.81 -3.58 -1.97
N GLY A 23 2.97 -4.57 -2.83
CA GLY A 23 2.11 -5.75 -2.79
C GLY A 23 1.57 -6.08 -4.17
N PRO A 24 0.99 -7.24 -4.33
CA PRO A 24 0.42 -7.69 -5.63
C PRO A 24 -0.78 -6.83 -6.06
N GLY A 25 -1.40 -6.17 -5.08
CA GLY A 25 -2.55 -5.31 -5.38
C GLY A 25 -2.13 -3.85 -5.46
N GLY A 26 -3.07 -2.99 -5.86
CA GLY A 26 -2.78 -1.57 -5.97
C GLY A 26 -2.00 -1.27 -7.25
N CYS A 27 -1.98 0.01 -7.65
CA CYS A 27 -1.27 0.41 -8.85
C CYS A 27 0.24 0.25 -8.66
N TYR A 28 0.73 0.64 -7.49
CA TYR A 28 2.14 0.54 -7.19
C TYR A 28 2.67 -0.86 -7.53
N CYS A 1 -2.76 -3.61 11.42
CA CYS A 1 -2.27 -3.24 10.06
C CYS A 1 -3.22 -2.23 9.43
N CYS A 2 -2.65 -1.26 8.72
CA CYS A 2 -3.47 -0.24 8.07
C CYS A 2 -3.65 -0.56 6.58
N ILE A 3 -2.76 -1.41 6.07
CA ILE A 3 -2.82 -1.80 4.66
C ILE A 3 -3.05 -3.29 4.54
N GLY A 5 -1.04 -5.34 4.23
CA GLY A 5 0.14 -5.85 3.53
C GLY A 5 1.38 -5.79 4.41
N GLU A 6 2.53 -5.60 3.80
CA GLU A 6 3.78 -5.52 4.54
C GLU A 6 4.24 -4.07 4.65
N SER A 7 3.50 -3.16 4.04
CA SER A 7 3.84 -1.75 4.08
C SER A 7 4.31 -1.34 5.47
N PRO A 8 5.00 -0.25 5.57
CA PRO A 8 5.53 0.26 6.88
C PRO A 8 4.41 0.65 7.83
N GLY A 9 3.23 0.92 7.27
CA GLY A 9 2.09 1.32 8.09
C GLY A 9 1.08 2.12 7.27
N ALA A 11 0.23 4.45 5.38
CA ALA A 11 0.86 5.51 4.63
C ALA A 11 -0.02 5.93 3.45
N PRO A 12 -1.09 6.63 3.72
CA PRO A 12 -2.03 7.10 2.66
C PRO A 12 -1.30 7.67 1.45
N ASN A 14 0.36 5.94 -0.36
CA ASN A 14 1.51 5.07 -0.48
C ASN A 14 1.16 3.65 -0.06
N ASP A 15 1.51 2.68 -0.91
CA ASP A 15 1.23 1.28 -0.61
C ASP A 15 -0.26 1.08 -0.34
N TYR A 16 -1.09 1.89 -0.99
CA TYR A 16 -2.54 1.80 -0.80
C TYR A 16 -3.26 2.58 -1.88
N LYS A 17 -3.28 2.04 -3.09
CA LYS A 17 -3.94 2.71 -4.21
C LYS A 17 -3.28 4.04 -4.51
N CYS A 18 -1.97 4.02 -4.69
CA CYS A 18 -1.23 5.25 -4.98
C CYS A 18 -0.02 4.94 -5.87
N LYS A 20 1.91 3.05 -5.67
CA LYS A 20 3.00 2.61 -4.82
C LYS A 20 2.62 1.32 -4.09
N GLY A 21 1.54 0.69 -4.55
CA GLY A 21 1.08 -0.55 -3.93
C GLY A 21 2.19 -1.59 -3.89
N ARG A 22 2.80 -1.74 -2.72
CA ARG A 22 3.89 -2.71 -2.55
C ARG A 22 3.36 -4.12 -2.75
N GLY A 23 2.20 -4.41 -2.18
CA GLY A 23 1.60 -5.73 -2.29
C GLY A 23 1.52 -6.18 -3.74
N PRO A 24 0.67 -7.11 -4.04
CA PRO A 24 0.50 -7.65 -5.42
C PRO A 24 -0.08 -6.60 -6.37
N GLY A 25 -0.72 -5.58 -5.81
CA GLY A 25 -1.32 -4.53 -6.61
C GLY A 25 -1.86 -3.41 -5.74
N GLY A 26 -2.56 -2.46 -6.36
CA GLY A 26 -3.14 -1.35 -5.61
C GLY A 26 -2.49 -0.03 -6.03
N CYS A 27 -3.02 0.58 -7.09
CA CYS A 27 -2.47 1.84 -7.57
C CYS A 27 -3.47 2.97 -7.33
N TYR A 28 -3.05 4.20 -7.65
CA TYR A 28 -3.91 5.36 -7.46
C TYR A 28 -5.38 4.98 -7.64
N CYS A 1 -4.32 -3.87 11.43
CA CYS A 1 -3.30 -3.75 10.34
C CYS A 1 -3.61 -2.54 9.48
N CYS A 2 -2.56 -1.84 9.05
CA CYS A 2 -2.75 -0.67 8.20
C CYS A 2 -3.18 -1.10 6.81
N ILE A 3 -2.32 -1.84 6.12
CA ILE A 3 -2.62 -2.32 4.78
C ILE A 3 -3.00 -3.80 4.83
N GLY A 5 -0.35 -7.08 5.77
CA GLY A 5 0.75 -7.85 5.20
C GLY A 5 2.08 -7.11 5.36
N GLU A 6 2.49 -6.42 4.31
CA GLU A 6 3.75 -5.68 4.34
C GLU A 6 3.50 -4.23 4.74
N SER A 7 2.23 -3.87 4.88
CA SER A 7 1.87 -2.50 5.25
C SER A 7 3.03 -1.82 5.97
N PRO A 8 3.90 -1.19 5.22
CA PRO A 8 5.08 -0.47 5.80
C PRO A 8 4.68 0.53 6.86
N GLY A 9 3.55 1.21 6.64
CA GLY A 9 3.06 2.20 7.60
C GLY A 9 1.94 3.04 6.99
N ALA A 11 0.44 4.90 5.03
CA ALA A 11 0.76 5.43 3.70
C ALA A 11 -0.41 5.24 2.75
N PRO A 12 -1.44 6.02 2.93
CA PRO A 12 -2.66 5.95 2.07
C PRO A 12 -2.32 5.97 0.58
N ASN A 14 0.22 6.41 -0.57
CA ASN A 14 1.63 6.03 -0.64
C ASN A 14 1.76 4.52 -0.68
N ASP A 15 0.64 3.82 -0.78
CA ASP A 15 0.64 2.37 -0.82
C ASP A 15 -0.62 1.84 -1.48
N TYR A 16 -1.68 1.71 -0.69
CA TYR A 16 -2.95 1.21 -1.20
C TYR A 16 -3.63 2.25 -2.09
N LYS A 17 -3.98 1.86 -3.30
CA LYS A 17 -4.63 2.77 -4.23
C LYS A 17 -3.68 3.87 -4.66
N CYS A 18 -2.40 3.53 -4.79
CA CYS A 18 -1.38 4.49 -5.19
C CYS A 18 -0.17 3.79 -5.77
N LYS A 20 2.53 3.92 -5.58
CA LYS A 20 3.51 3.63 -4.54
C LYS A 20 3.10 2.40 -3.74
N GLY A 21 4.07 1.56 -3.41
CA GLY A 21 3.79 0.34 -2.65
C GLY A 21 3.08 -0.69 -3.52
N ARG A 22 3.85 -1.55 -4.17
CA ARG A 22 3.28 -2.57 -5.03
C ARG A 22 2.46 -3.55 -4.21
N GLY A 23 2.97 -3.93 -3.05
CA GLY A 23 2.27 -4.88 -2.17
C GLY A 23 1.30 -5.74 -2.97
N PRO A 24 0.17 -6.02 -2.39
CA PRO A 24 -0.89 -6.85 -3.05
C PRO A 24 -1.51 -6.14 -4.26
N GLY A 25 -1.34 -4.82 -4.31
CA GLY A 25 -1.88 -4.04 -5.41
C GLY A 25 -2.28 -2.65 -4.94
N GLY A 26 -2.91 -1.89 -5.84
CA GLY A 26 -3.34 -0.53 -5.51
C GLY A 26 -2.39 0.51 -6.08
N CYS A 27 -2.87 1.24 -7.08
CA CYS A 27 -2.05 2.26 -7.71
C CYS A 27 -2.79 3.60 -7.73
N TYR A 28 -2.15 4.62 -8.31
CA TYR A 28 -2.76 5.93 -8.39
C TYR A 28 -3.39 6.31 -7.06
N CYS A 1 -0.92 -3.78 11.50
CA CYS A 1 -0.98 -3.41 10.05
C CYS A 1 -2.29 -2.70 9.77
N CYS A 2 -2.21 -1.54 9.12
CA CYS A 2 -3.41 -0.76 8.81
C CYS A 2 -4.13 -1.34 7.59
N ILE A 3 -3.57 -1.11 6.41
CA ILE A 3 -4.19 -1.61 5.19
C ILE A 3 -4.14 -3.14 5.17
N GLY A 5 -1.01 -4.66 4.07
CA GLY A 5 -0.06 -4.97 3.00
C GLY A 5 1.37 -4.70 3.43
N GLU A 6 2.14 -4.09 2.54
CA GLU A 6 3.53 -3.77 2.83
C GLU A 6 3.64 -2.36 3.42
N SER A 7 2.52 -1.64 3.40
CA SER A 7 2.50 -0.28 3.93
C SER A 7 3.48 -0.14 5.08
N PRO A 8 4.42 0.76 4.96
CA PRO A 8 5.45 1.01 6.02
C PRO A 8 4.83 1.57 7.29
N GLY A 9 3.65 2.15 7.16
CA GLY A 9 2.94 2.72 8.31
C GLY A 9 1.70 3.48 7.86
N ALA A 11 0.46 4.26 5.55
CA ALA A 11 0.78 5.25 4.53
C ALA A 11 0.07 4.88 3.22
N PRO A 12 -1.19 5.18 3.14
CA PRO A 12 -2.02 4.89 1.93
C PRO A 12 -1.38 5.45 0.65
N ASN A 14 1.45 5.58 0.03
CA ASN A 14 2.74 4.92 -0.07
C ASN A 14 2.58 3.41 -0.08
N ASP A 15 1.32 2.95 -0.16
CA ASP A 15 1.04 1.53 -0.17
C ASP A 15 -0.46 1.27 -0.09
N TYR A 16 -1.21 1.80 -1.06
CA TYR A 16 -2.66 1.62 -1.08
C TYR A 16 -3.22 1.94 -2.46
N LYS A 17 -3.32 3.23 -2.77
CA LYS A 17 -3.84 3.65 -4.07
C LYS A 17 -2.94 4.71 -4.69
N CYS A 18 -1.65 4.45 -4.69
CA CYS A 18 -0.66 5.38 -5.25
C CYS A 18 0.52 4.60 -5.81
N LYS A 20 1.41 2.15 -5.12
CA LYS A 20 1.95 1.41 -3.98
C LYS A 20 0.83 0.69 -3.23
N GLY A 21 1.17 -0.42 -2.59
CA GLY A 21 0.19 -1.18 -1.83
C GLY A 21 0.34 -2.68 -2.10
N ARG A 22 -0.16 -3.49 -1.17
CA ARG A 22 -0.08 -4.95 -1.28
C ARG A 22 0.92 -5.36 -2.35
N GLY A 23 2.14 -4.85 -2.24
CA GLY A 23 3.18 -5.18 -3.20
C GLY A 23 2.65 -5.02 -4.62
N PRO A 24 2.33 -6.12 -5.27
CA PRO A 24 1.81 -6.11 -6.66
C PRO A 24 0.49 -5.34 -6.75
N GLY A 25 0.30 -4.63 -7.86
CA GLY A 25 -0.91 -3.85 -8.07
C GLY A 25 -1.16 -2.91 -6.89
N GLY A 26 -2.42 -2.76 -6.50
CA GLY A 26 -2.77 -1.89 -5.39
C GLY A 26 -2.42 -0.44 -5.69
N CYS A 27 -2.47 -0.08 -6.97
CA CYS A 27 -2.15 1.28 -7.37
C CYS A 27 -3.33 2.21 -7.12
N TYR A 28 -3.22 3.44 -7.60
CA TYR A 28 -4.30 4.42 -7.42
C TYR A 28 -5.57 3.95 -8.11
N CYS A 1 -4.36 -4.20 10.97
CA CYS A 1 -3.68 -3.80 9.71
C CYS A 1 -4.19 -2.43 9.26
N CYS A 2 -3.30 -1.63 8.69
CA CYS A 2 -3.69 -0.30 8.21
C CYS A 2 -4.16 -0.39 6.77
N ILE A 3 -3.29 -0.90 5.90
CA ILE A 3 -3.63 -1.04 4.49
C ILE A 3 -4.26 -2.40 4.22
N GLY A 5 -2.05 -5.81 4.53
CA GLY A 5 -1.00 -6.60 3.92
C GLY A 5 0.32 -6.40 4.64
N GLU A 6 1.13 -5.47 4.16
CA GLU A 6 2.42 -5.18 4.78
C GLU A 6 2.75 -3.71 4.66
N SER A 7 3.22 -3.33 3.49
CA SER A 7 3.58 -1.93 3.23
C SER A 7 4.45 -1.39 4.34
N PRO A 8 5.05 -0.24 4.13
CA PRO A 8 5.94 0.40 5.14
C PRO A 8 5.15 0.87 6.36
N GLY A 9 3.85 1.05 6.20
CA GLY A 9 3.00 1.49 7.30
C GLY A 9 1.67 2.04 6.78
N ALA A 11 0.64 4.30 5.28
CA ALA A 11 0.90 5.38 4.33
C ALA A 11 0.11 5.15 3.05
N PRO A 12 -1.18 5.37 3.12
CA PRO A 12 -2.08 5.19 1.94
C PRO A 12 -1.46 5.74 0.65
N ASN A 14 1.15 5.70 -0.52
CA ASN A 14 2.41 5.00 -0.71
C ASN A 14 2.19 3.49 -0.81
N ASP A 15 0.94 3.09 -1.07
CA ASP A 15 0.61 1.67 -1.18
C ASP A 15 -0.88 1.49 -1.40
N TYR A 16 -1.64 1.58 -0.31
CA TYR A 16 -3.10 1.43 -0.38
C TYR A 16 -3.60 1.71 -1.78
N LYS A 17 -3.89 2.98 -2.07
CA LYS A 17 -4.38 3.37 -3.38
C LYS A 17 -3.23 3.76 -4.30
N CYS A 18 -2.80 5.00 -4.21
CA CYS A 18 -1.70 5.49 -5.05
C CYS A 18 -0.80 4.33 -5.48
N LYS A 20 1.96 3.77 -5.47
CA LYS A 20 3.27 3.94 -4.84
C LYS A 20 3.50 2.87 -3.77
N GLY A 21 3.14 1.63 -4.10
CA GLY A 21 3.32 0.53 -3.15
C GLY A 21 4.15 -0.60 -3.75
N ARG A 22 5.20 -0.99 -3.04
CA ARG A 22 6.07 -2.06 -3.51
C ARG A 22 5.30 -3.37 -3.60
N GLY A 23 4.50 -3.65 -2.59
CA GLY A 23 3.71 -4.88 -2.55
C GLY A 23 2.61 -4.85 -3.61
N PRO A 24 2.47 -5.91 -4.35
CA PRO A 24 1.43 -6.02 -5.42
C PRO A 24 0.02 -5.88 -4.86
N GLY A 25 -0.87 -5.27 -5.63
CA GLY A 25 -2.25 -5.07 -5.20
C GLY A 25 -2.42 -3.72 -4.51
N GLY A 26 -3.66 -3.30 -4.34
CA GLY A 26 -3.94 -2.02 -3.69
C GLY A 26 -3.15 -0.90 -4.35
N CYS A 27 -3.54 -0.53 -5.57
CA CYS A 27 -2.85 0.53 -6.27
C CYS A 27 -3.85 1.55 -6.83
N TYR A 28 -3.33 2.69 -7.27
CA TYR A 28 -4.19 3.75 -7.82
C TYR A 28 -5.53 3.76 -7.11
N CYS A 1 -5.75 -4.88 8.57
CA CYS A 1 -4.34 -4.44 8.42
C CYS A 1 -4.20 -3.61 7.16
N CYS A 2 -3.45 -2.52 7.25
CA CYS A 2 -3.24 -1.65 6.09
C CYS A 2 -2.82 -2.48 4.88
N ILE A 3 -1.54 -2.43 4.56
CA ILE A 3 -1.02 -3.17 3.42
C ILE A 3 -1.13 -4.68 3.67
N GLY A 5 1.17 -6.17 6.57
CA GLY A 5 2.46 -6.55 7.13
C GLY A 5 3.51 -6.69 6.04
N GLU A 6 3.49 -5.78 5.07
CA GLU A 6 4.44 -5.81 3.97
C GLU A 6 5.08 -4.44 3.78
N SER A 7 4.86 -3.55 4.74
CA SER A 7 5.42 -2.20 4.66
C SER A 7 5.17 -1.44 5.96
N PRO A 8 5.48 -0.18 5.99
CA PRO A 8 5.30 0.69 7.19
C PRO A 8 3.88 0.59 7.75
N GLY A 9 2.90 0.44 6.86
CA GLY A 9 1.51 0.33 7.28
C GLY A 9 0.66 1.43 6.64
N ALA A 11 -0.33 3.67 4.73
CA ALA A 11 0.42 4.80 4.19
C ALA A 11 -0.37 5.47 3.07
N PRO A 12 -1.46 6.12 3.41
CA PRO A 12 -2.31 6.83 2.42
C PRO A 12 -1.50 7.74 1.50
N ASN A 14 0.28 6.54 -0.95
CA ASN A 14 1.49 5.79 -1.27
C ASN A 14 1.14 4.46 -1.92
N ASP A 15 0.82 3.47 -1.09
CA ASP A 15 0.48 2.14 -1.59
C ASP A 15 -1.04 1.97 -1.65
N TYR A 16 -1.75 2.77 -0.85
CA TYR A 16 -3.20 2.68 -0.81
C TYR A 16 -3.78 2.82 -2.21
N LYS A 17 -3.64 4.00 -2.79
CA LYS A 17 -4.17 4.25 -4.13
C LYS A 17 -3.50 5.49 -4.74
N CYS A 18 -2.25 5.71 -4.37
CA CYS A 18 -1.51 6.86 -4.89
C CYS A 18 -0.78 6.49 -6.19
N LYS A 20 1.98 3.36 -5.98
CA LYS A 20 3.16 2.67 -5.50
C LYS A 20 3.00 1.15 -5.65
N GLY A 21 3.31 0.42 -4.58
CA GLY A 21 3.20 -1.03 -4.62
C GLY A 21 4.04 -1.67 -3.51
N ARG A 22 3.37 -2.37 -2.60
CA ARG A 22 4.07 -3.04 -1.50
C ARG A 22 3.16 -4.04 -0.82
N GLY A 23 2.10 -4.43 -1.50
CA GLY A 23 1.15 -5.40 -0.95
C GLY A 23 -0.15 -5.39 -1.74
N PRO A 24 -1.24 -5.05 -1.08
CA PRO A 24 -2.58 -4.99 -1.72
C PRO A 24 -2.63 -4.01 -2.89
N GLY A 25 -3.41 -4.35 -3.91
CA GLY A 25 -3.54 -3.50 -5.08
C GLY A 25 -4.16 -2.16 -4.72
N GLY A 26 -3.80 -1.12 -5.47
CA GLY A 26 -4.32 0.21 -5.21
C GLY A 26 -4.31 1.07 -6.48
N CYS A 27 -3.52 2.13 -6.46
CA CYS A 27 -3.42 3.01 -7.62
C CYS A 27 -2.72 2.30 -8.77
N TYR A 28 -1.75 1.46 -8.45
CA TYR A 28 -1.02 0.73 -9.47
C TYR A 28 -1.78 -0.54 -9.87
N CYS A 1 -5.07 -3.39 10.39
CA CYS A 1 -3.64 -3.79 10.26
C CYS A 1 -2.94 -2.86 9.27
N CYS A 2 -3.71 -1.98 8.65
CA CYS A 2 -3.15 -1.05 7.67
C CYS A 2 -2.61 -1.83 6.47
N ILE A 3 -3.38 -1.84 5.38
CA ILE A 3 -2.99 -2.55 4.18
C ILE A 3 -3.07 -4.06 4.41
N GLY A 5 -0.22 -5.61 6.48
CA GLY A 5 1.18 -6.02 6.65
C GLY A 5 1.86 -6.21 5.30
N GLU A 6 1.38 -5.50 4.29
CA GLU A 6 1.96 -5.61 2.95
C GLU A 6 2.62 -4.30 2.56
N SER A 7 2.46 -3.29 3.41
CA SER A 7 3.06 -1.99 3.15
C SER A 7 3.91 -1.53 4.33
N PRO A 8 4.72 -0.52 4.13
CA PRO A 8 5.60 0.03 5.19
C PRO A 8 4.81 0.68 6.31
N GLY A 9 3.56 1.07 6.01
CA GLY A 9 2.71 1.70 7.00
C GLY A 9 1.34 2.04 6.40
N ALA A 11 0.39 3.74 4.61
CA ALA A 11 0.51 3.94 3.17
C ALA A 11 -0.80 4.46 2.60
N PRO A 12 -1.23 5.61 3.04
CA PRO A 12 -2.49 6.25 2.57
C PRO A 12 -2.38 6.77 1.13
N ASN A 14 0.89 5.61 -0.54
CA ASN A 14 2.11 4.92 -0.93
C ASN A 14 1.88 3.41 -1.02
N ASP A 15 0.61 3.02 -1.07
CA ASP A 15 0.26 1.61 -1.16
C ASP A 15 -1.25 1.43 -1.27
N TYR A 16 -2.00 2.41 -0.79
CA TYR A 16 -3.44 2.35 -0.84
C TYR A 16 -3.97 3.08 -2.07
N LYS A 17 -3.81 2.46 -3.23
CA LYS A 17 -4.27 3.06 -4.48
C LYS A 17 -3.48 4.33 -4.80
N CYS A 18 -2.15 4.21 -4.81
CA CYS A 18 -1.29 5.35 -5.12
C CYS A 18 -0.17 4.94 -6.07
N LYS A 20 2.03 3.41 -5.64
CA LYS A 20 3.27 3.38 -4.87
C LYS A 20 3.17 2.38 -3.72
N GLY A 21 4.28 1.73 -3.40
CA GLY A 21 4.30 0.75 -2.33
C GLY A 21 4.50 -0.66 -2.87
N ARG A 22 5.31 -1.45 -2.18
CA ARG A 22 5.58 -2.82 -2.61
C ARG A 22 4.31 -3.66 -2.52
N GLY A 23 3.57 -3.49 -1.44
CA GLY A 23 2.33 -4.23 -1.24
C GLY A 23 1.50 -4.27 -2.52
N PRO A 24 1.47 -5.39 -3.18
CA PRO A 24 0.70 -5.57 -4.45
C PRO A 24 -0.79 -5.33 -4.26
N GLY A 25 -1.42 -4.74 -5.27
CA GLY A 25 -2.85 -4.45 -5.19
C GLY A 25 -3.11 -3.15 -4.43
N GLY A 26 -3.64 -2.16 -5.12
CA GLY A 26 -3.93 -0.87 -4.49
C GLY A 26 -3.15 0.25 -5.17
N CYS A 27 -3.33 0.38 -6.48
CA CYS A 27 -2.63 1.42 -7.23
C CYS A 27 -3.52 2.64 -7.41
N TYR A 28 -2.92 3.76 -7.77
CA TYR A 28 -3.68 5.00 -7.97
C TYR A 28 -5.10 4.69 -8.42
N CYS A 1 -5.37 -3.42 9.74
CA CYS A 1 -4.19 -3.14 8.88
C CYS A 1 -4.53 -2.02 7.89
N CYS A 2 -3.59 -1.10 7.69
CA CYS A 2 -3.80 -0.01 6.77
C CYS A 2 -3.67 -0.49 5.32
N ILE A 3 -2.77 -1.45 5.12
CA ILE A 3 -2.55 -1.99 3.78
C ILE A 3 -2.79 -3.50 3.79
N GLY A 5 -0.31 -5.43 5.99
CA GLY A 5 0.90 -5.95 6.60
C GLY A 5 1.83 -6.56 5.55
N GLU A 6 1.69 -6.09 4.31
CA GLU A 6 2.53 -6.58 3.22
C GLU A 6 3.48 -5.49 2.74
N SER A 7 3.30 -4.29 3.25
CA SER A 7 4.14 -3.16 2.86
C SER A 7 4.47 -2.29 4.07
N PRO A 8 5.13 -1.19 3.83
CA PRO A 8 5.51 -0.24 4.92
C PRO A 8 4.30 0.27 5.70
N GLY A 9 4.48 0.48 6.99
CA GLY A 9 3.39 0.94 7.84
C GLY A 9 2.40 1.77 7.03
N ALA A 11 0.17 4.03 4.90
CA ALA A 11 0.62 5.23 4.22
C ALA A 11 -0.41 5.71 3.21
N PRO A 12 -1.53 6.18 3.68
CA PRO A 12 -2.62 6.69 2.81
C PRO A 12 -2.11 7.64 1.74
N ASN A 14 -0.18 7.06 -0.18
CA ASN A 14 1.21 6.67 -0.38
C ASN A 14 1.32 5.17 -0.64
N ASP A 15 0.38 4.41 -0.09
CA ASP A 15 0.38 2.97 -0.26
C ASP A 15 -1.04 2.43 -0.25
N TYR A 16 -2.00 3.29 -0.52
CA TYR A 16 -3.40 2.89 -0.54
C TYR A 16 -4.13 3.53 -1.71
N LYS A 17 -3.94 2.97 -2.90
CA LYS A 17 -4.58 3.49 -4.09
C LYS A 17 -3.85 4.71 -4.63
N CYS A 18 -2.61 4.87 -4.18
CA CYS A 18 -1.79 6.00 -4.62
C CYS A 18 -0.61 5.53 -5.44
N LYS A 20 1.56 3.44 -5.65
CA LYS A 20 2.80 3.30 -4.89
C LYS A 20 2.64 2.22 -3.82
N GLY A 21 3.57 1.27 -3.81
CA GLY A 21 3.52 0.18 -2.83
C GLY A 21 4.09 -1.10 -3.42
N ARG A 22 5.03 -1.71 -2.69
CA ARG A 22 5.65 -2.95 -3.15
C ARG A 22 4.63 -4.08 -3.20
N GLY A 23 3.78 -4.14 -2.18
CA GLY A 23 2.76 -5.18 -2.11
C GLY A 23 1.59 -4.86 -3.05
N PRO A 24 1.05 -5.87 -3.68
CA PRO A 24 -0.08 -5.71 -4.64
C PRO A 24 -1.39 -5.38 -3.91
N GLY A 25 -2.30 -4.72 -4.62
CA GLY A 25 -3.58 -4.35 -4.04
C GLY A 25 -4.08 -3.04 -4.63
N GLY A 26 -3.47 -1.94 -4.22
CA GLY A 26 -3.87 -0.63 -4.71
C GLY A 26 -3.34 -0.38 -6.11
N CYS A 27 -3.53 0.83 -6.61
CA CYS A 27 -3.06 1.17 -7.96
C CYS A 27 -1.72 0.52 -8.24
N TYR A 28 -0.99 0.17 -7.17
CA TYR A 28 0.31 -0.47 -7.31
C TYR A 28 0.15 -1.97 -7.50
N CYS A 1 -5.14 -3.97 10.24
CA CYS A 1 -4.13 -3.93 9.16
C CYS A 1 -4.46 -2.82 8.18
N CYS A 2 -3.64 -1.77 8.17
CA CYS A 2 -3.87 -0.65 7.26
C CYS A 2 -3.82 -1.12 5.81
N ILE A 3 -2.82 -1.94 5.50
CA ILE A 3 -2.68 -2.47 4.15
C ILE A 3 -2.84 -3.99 4.15
N GLY A 5 0.18 -5.81 5.70
CA GLY A 5 1.49 -6.24 6.17
C GLY A 5 2.40 -6.60 4.99
N GLU A 6 2.35 -5.78 3.94
CA GLU A 6 3.17 -6.02 2.76
C GLU A 6 3.79 -4.72 2.27
N SER A 7 3.66 -3.68 3.08
CA SER A 7 4.23 -2.38 2.73
C SER A 7 4.25 -1.46 3.94
N PRO A 8 4.62 -0.22 3.74
CA PRO A 8 4.69 0.79 4.84
C PRO A 8 3.36 0.97 5.54
N GLY A 9 3.41 1.23 6.85
CA GLY A 9 2.21 1.40 7.64
C GLY A 9 1.37 2.56 7.10
N ALA A 11 0.35 4.36 4.70
CA ALA A 11 0.63 4.62 3.29
C ALA A 11 -0.67 4.95 2.55
N PRO A 12 -1.37 5.95 3.00
CA PRO A 12 -2.65 6.39 2.38
C PRO A 12 -2.47 6.81 0.92
N ASN A 14 1.05 5.93 -0.42
CA ASN A 14 2.35 5.33 -0.70
C ASN A 14 2.23 3.82 -0.81
N ASP A 15 0.99 3.34 -0.91
CA ASP A 15 0.74 1.91 -1.02
C ASP A 15 -0.60 1.64 -1.70
N TYR A 16 -1.58 1.22 -0.90
CA TYR A 16 -2.91 0.93 -1.44
C TYR A 16 -3.53 2.20 -2.01
N LYS A 17 -3.99 2.12 -3.26
CA LYS A 17 -4.61 3.27 -3.90
C LYS A 17 -3.56 4.26 -4.38
N CYS A 18 -2.31 3.81 -4.41
CA CYS A 18 -1.22 4.67 -4.87
C CYS A 18 -0.13 3.83 -5.54
N LYS A 20 2.72 3.97 -5.56
CA LYS A 20 3.78 3.69 -4.60
C LYS A 20 3.33 2.62 -3.60
N GLY A 21 4.24 1.71 -3.27
CA GLY A 21 3.93 0.65 -2.33
C GLY A 21 3.12 -0.46 -3.00
N ARG A 22 3.82 -1.48 -3.48
CA ARG A 22 3.16 -2.60 -4.15
C ARG A 22 2.23 -3.32 -3.19
N GLY A 23 2.67 -3.50 -1.96
CA GLY A 23 1.87 -4.18 -0.95
C GLY A 23 1.04 -5.30 -1.58
N PRO A 24 -0.11 -5.56 -1.03
CA PRO A 24 -1.02 -6.63 -1.54
C PRO A 24 -1.59 -6.29 -2.92
N GLY A 25 -1.58 -5.01 -3.26
CA GLY A 25 -2.10 -4.57 -4.55
C GLY A 25 -2.94 -3.32 -4.39
N GLY A 26 -2.56 -2.26 -5.10
CA GLY A 26 -3.29 -1.00 -5.03
C GLY A 26 -2.45 0.16 -5.56
N CYS A 27 -2.96 0.82 -6.60
CA CYS A 27 -2.24 1.94 -7.20
C CYS A 27 -3.10 3.20 -7.16
N TYR A 28 -2.47 4.34 -7.46
CA TYR A 28 -3.19 5.61 -7.46
C TYR A 28 -4.67 5.40 -7.74
N CYS A 1 -6.10 -3.37 10.25
CA CYS A 1 -4.77 -3.75 9.68
C CYS A 1 -4.35 -2.73 8.64
N CYS A 2 -3.15 -2.18 8.80
CA CYS A 2 -2.65 -1.19 7.86
C CYS A 2 -2.42 -1.83 6.49
N ILE A 3 -3.39 -1.68 5.61
CA ILE A 3 -3.29 -2.27 4.27
C ILE A 3 -2.99 -3.75 4.37
N GLY A 5 -0.69 -4.87 6.42
CA GLY A 5 0.65 -4.96 6.96
C GLY A 5 1.63 -5.52 5.92
N GLU A 6 1.26 -5.40 4.65
CA GLU A 6 2.10 -5.89 3.57
C GLU A 6 2.68 -4.73 2.78
N SER A 7 2.20 -3.53 3.07
CA SER A 7 2.69 -2.34 2.37
C SER A 7 3.55 -1.49 3.30
N PRO A 8 4.43 -0.69 2.74
CA PRO A 8 5.34 0.19 3.52
C PRO A 8 4.58 0.98 4.59
N GLY A 9 4.24 0.30 5.68
CA GLY A 9 3.51 0.95 6.77
C GLY A 9 2.18 1.51 6.29
N ALA A 11 0.78 4.11 4.88
CA ALA A 11 0.78 4.45 3.46
C ALA A 11 -0.62 4.88 3.02
N PRO A 12 -1.14 5.91 3.62
CA PRO A 12 -2.50 6.44 3.29
C PRO A 12 -2.52 7.15 1.95
N ASN A 14 0.63 6.48 -0.08
CA ASN A 14 1.80 5.86 -0.70
C ASN A 14 1.49 4.45 -1.17
N ASP A 15 0.55 3.79 -0.47
CA ASP A 15 0.17 2.44 -0.83
C ASP A 15 -1.29 2.39 -1.26
N TYR A 16 -2.11 1.75 -0.42
CA TYR A 16 -3.54 1.63 -0.73
C TYR A 16 -3.78 1.66 -2.23
N LYS A 17 -3.98 2.86 -2.77
CA LYS A 17 -4.23 3.01 -4.20
C LYS A 17 -3.78 4.38 -4.69
N CYS A 18 -2.95 5.04 -3.87
CA CYS A 18 -2.45 6.36 -4.23
C CYS A 18 -1.66 6.32 -5.54
N LYS A 20 1.53 4.14 -5.32
CA LYS A 20 2.81 3.57 -4.90
C LYS A 20 2.59 2.42 -3.93
N GLY A 21 3.69 1.80 -3.50
CA GLY A 21 3.60 0.69 -2.57
C GLY A 21 3.97 -0.63 -3.26
N ARG A 22 5.03 -1.27 -2.77
CA ARG A 22 5.47 -2.54 -3.35
C ARG A 22 4.40 -3.61 -3.16
N GLY A 23 3.82 -3.65 -1.96
CA GLY A 23 2.78 -4.64 -1.67
C GLY A 23 1.66 -4.58 -2.70
N PRO A 24 1.16 -5.71 -3.10
CA PRO A 24 0.06 -5.81 -4.10
C PRO A 24 -1.29 -5.38 -3.52
N GLY A 25 -2.20 -4.95 -4.38
CA GLY A 25 -3.51 -4.53 -3.94
C GLY A 25 -3.64 -3.00 -4.02
N GLY A 26 -3.24 -2.44 -5.16
CA GLY A 26 -3.31 -1.00 -5.35
C GLY A 26 -3.08 -0.63 -6.81
N CYS A 27 -3.02 0.67 -7.08
CA CYS A 27 -2.80 1.15 -8.45
C CYS A 27 -1.43 0.71 -8.95
N TYR A 28 -0.40 0.96 -8.14
CA TYR A 28 0.96 0.60 -8.52
C TYR A 28 0.97 -0.73 -9.26
N CYS A 1 -4.93 -3.88 11.54
CA CYS A 1 -3.81 -3.63 10.59
C CYS A 1 -3.92 -2.21 10.04
N CYS A 2 -2.81 -1.67 9.54
CA CYS A 2 -2.80 -0.33 8.99
C CYS A 2 -3.45 -0.32 7.60
N ILE A 3 -2.71 -0.84 6.62
CA ILE A 3 -3.23 -0.89 5.26
C ILE A 3 -3.94 -2.21 5.02
N GLY A 5 -1.77 -5.13 4.66
CA GLY A 5 -0.75 -5.92 3.99
C GLY A 5 0.60 -5.76 4.67
N GLU A 6 1.67 -5.75 3.88
CA GLU A 6 3.02 -5.61 4.42
C GLU A 6 3.50 -4.17 4.27
N SER A 7 2.66 -3.31 3.72
CA SER A 7 3.01 -1.91 3.53
C SER A 7 3.92 -1.42 4.65
N PRO A 8 4.74 -0.45 4.38
CA PRO A 8 5.68 0.13 5.38
C PRO A 8 4.94 0.85 6.50
N GLY A 9 3.72 1.28 6.23
CA GLY A 9 2.92 1.98 7.23
C GLY A 9 1.55 2.35 6.66
N ALA A 11 0.52 4.19 4.96
CA ALA A 11 0.59 4.44 3.53
C ALA A 11 -0.78 4.82 2.98
N PRO A 12 -1.33 5.90 3.49
CA PRO A 12 -2.65 6.42 3.05
C PRO A 12 -2.70 6.70 1.56
N ASN A 14 0.84 6.16 -0.07
CA ASN A 14 2.24 5.88 -0.39
C ASN A 14 2.49 4.37 -0.44
N ASP A 15 1.41 3.60 -0.44
CA ASP A 15 1.53 2.14 -0.49
C ASP A 15 0.14 1.53 -0.63
N TYR A 16 -0.24 1.19 -1.84
CA TYR A 16 -1.55 0.59 -2.08
C TYR A 16 -2.60 1.67 -2.26
N LYS A 17 -3.15 1.75 -3.47
CA LYS A 17 -4.18 2.73 -3.77
C LYS A 17 -3.55 4.04 -4.23
N CYS A 18 -2.24 4.04 -4.46
CA CYS A 18 -1.54 5.23 -4.91
C CYS A 18 -0.32 4.86 -5.74
N LYS A 20 1.76 3.29 -5.36
CA LYS A 20 2.93 3.17 -4.49
C LYS A 20 2.96 1.80 -3.81
N GLY A 21 2.03 0.93 -4.18
CA GLY A 21 1.97 -0.40 -3.59
C GLY A 21 3.21 -1.21 -3.96
N ARG A 22 3.83 -1.84 -2.96
CA ARG A 22 5.02 -2.63 -3.19
C ARG A 22 4.64 -4.08 -3.53
N GLY A 23 4.04 -4.77 -2.58
CA GLY A 23 3.63 -6.15 -2.78
C GLY A 23 2.50 -6.24 -3.80
N PRO A 24 1.29 -6.02 -3.36
CA PRO A 24 0.09 -6.07 -4.24
C PRO A 24 0.04 -4.86 -5.19
N GLY A 25 -0.74 -5.01 -6.26
CA GLY A 25 -0.86 -3.93 -7.24
C GLY A 25 -1.38 -2.66 -6.58
N GLY A 26 -2.37 -2.82 -5.71
CA GLY A 26 -2.96 -1.68 -5.01
C GLY A 26 -2.48 -0.35 -5.59
N CYS A 27 -3.01 0.02 -6.75
CA CYS A 27 -2.61 1.26 -7.39
C CYS A 27 -3.79 2.24 -7.47
N TYR A 28 -3.62 3.39 -6.84
CA TYR A 28 -4.65 4.42 -6.84
C TYR A 28 -5.85 3.98 -6.03
N CYS A 1 -3.64 -4.36 10.56
CA CYS A 1 -2.83 -4.05 9.34
C CYS A 1 -3.25 -2.68 8.80
N CYS A 2 -2.28 -1.80 8.61
CA CYS A 2 -2.56 -0.47 8.10
C CYS A 2 -3.07 -0.57 6.66
N ILE A 3 -2.42 -1.41 5.86
CA ILE A 3 -2.83 -1.60 4.48
C ILE A 3 -3.05 -3.09 4.20
N GLY A 5 -0.73 -5.35 6.05
CA GLY A 5 0.52 -5.93 6.51
C GLY A 5 1.49 -6.11 5.36
N GLU A 6 1.27 -5.39 4.27
CA GLU A 6 2.16 -5.49 3.11
C GLU A 6 2.91 -4.19 2.93
N SER A 7 2.52 -3.18 3.70
CA SER A 7 3.16 -1.87 3.62
C SER A 7 3.92 -1.57 4.90
N PRO A 8 4.68 -0.51 4.92
CA PRO A 8 5.48 -0.09 6.11
C PRO A 8 4.58 0.32 7.28
N GLY A 9 3.34 0.68 6.96
CA GLY A 9 2.39 1.09 7.99
C GLY A 9 1.40 2.11 7.44
N ALA A 11 0.17 4.29 5.64
CA ALA A 11 0.72 5.16 4.63
C ALA A 11 -0.27 5.34 3.49
N PRO A 12 -1.25 6.17 3.68
CA PRO A 12 -2.28 6.45 2.64
C PRO A 12 -1.65 6.89 1.32
N ASN A 14 0.22 5.40 -0.40
CA ASN A 14 1.62 4.99 -0.40
C ASN A 14 1.75 3.49 -0.62
N ASP A 15 0.63 2.77 -0.54
CA ASP A 15 0.64 1.33 -0.72
C ASP A 15 -0.61 0.85 -1.46
N TYR A 16 -1.77 1.24 -0.93
CA TYR A 16 -3.04 0.84 -1.55
C TYR A 16 -3.54 1.94 -2.47
N LYS A 17 -3.73 1.58 -3.74
CA LYS A 17 -4.20 2.54 -4.73
C LYS A 17 -3.19 3.66 -4.94
N CYS A 18 -1.92 3.32 -4.83
CA CYS A 18 -0.85 4.31 -5.00
C CYS A 18 0.34 3.69 -5.73
N LYS A 20 2.91 4.23 -5.86
CA LYS A 20 4.07 4.28 -4.99
C LYS A 20 4.34 2.91 -4.37
N GLY A 21 3.28 2.24 -3.96
CA GLY A 21 3.40 0.92 -3.35
C GLY A 21 2.55 -0.11 -4.09
N ARG A 22 3.14 -1.25 -4.40
CA ARG A 22 2.42 -2.31 -5.10
C ARG A 22 2.14 -3.47 -4.16
N GLY A 23 2.59 -3.36 -2.92
CA GLY A 23 2.38 -4.42 -1.93
C GLY A 23 1.16 -5.25 -2.29
N PRO A 24 0.00 -4.79 -1.91
CA PRO A 24 -1.29 -5.48 -2.19
C PRO A 24 -1.62 -5.48 -3.68
N GLY A 25 -0.95 -4.61 -4.42
CA GLY A 25 -1.18 -4.50 -5.86
C GLY A 25 -2.14 -3.34 -6.15
N GLY A 26 -2.42 -2.54 -5.13
CA GLY A 26 -3.32 -1.41 -5.29
C GLY A 26 -2.56 -0.17 -5.75
N CYS A 27 -2.56 0.07 -7.06
CA CYS A 27 -1.87 1.23 -7.61
C CYS A 27 -2.88 2.31 -8.00
N TYR A 28 -2.64 3.53 -7.52
CA TYR A 28 -3.54 4.65 -7.81
C TYR A 28 -4.90 4.43 -7.14
N CYS A 1 -1.55 -2.55 12.03
CA CYS A 1 -1.06 -3.02 10.70
C CYS A 1 -1.49 -2.04 9.62
N CYS A 2 -2.47 -1.21 9.94
CA CYS A 2 -2.98 -0.24 8.98
C CYS A 2 -3.50 -0.97 7.74
N ILE A 3 -2.59 -1.45 6.92
CA ILE A 3 -2.96 -2.18 5.71
C ILE A 3 -3.08 -3.66 6.01
N GLY A 5 0.24 -5.27 7.37
CA GLY A 5 1.63 -5.70 7.49
C GLY A 5 2.12 -6.33 6.19
N GLU A 6 1.69 -5.77 5.06
CA GLU A 6 2.09 -6.28 3.77
C GLU A 6 3.18 -5.41 3.16
N SER A 7 3.36 -4.24 3.75
CA SER A 7 4.38 -3.31 3.27
C SER A 7 4.02 -1.87 3.63
N PRO A 8 2.97 -1.36 3.05
CA PRO A 8 2.50 0.04 3.30
C PRO A 8 2.00 0.23 4.73
N GLY A 9 1.66 -0.88 5.38
CA GLY A 9 1.17 -0.85 6.76
C GLY A 9 1.18 0.56 7.32
N ALA A 11 0.66 3.43 5.13
CA ALA A 11 1.29 4.26 4.12
C ALA A 11 0.26 5.12 3.41
N PRO A 12 -0.27 6.08 4.10
CA PRO A 12 -1.29 7.01 3.53
C PRO A 12 -0.90 7.48 2.14
N ASN A 14 0.14 6.08 -0.05
CA ASN A 14 1.39 5.43 -0.42
C ASN A 14 1.17 3.95 -0.72
N ASP A 15 -0.05 3.48 -0.49
CA ASP A 15 -0.38 2.08 -0.73
C ASP A 15 -1.07 1.92 -2.09
N TYR A 16 -1.95 0.93 -2.18
CA TYR A 16 -2.67 0.67 -3.43
C TYR A 16 -3.59 1.84 -3.77
N LYS A 17 -3.74 2.10 -5.07
CA LYS A 17 -4.60 3.19 -5.53
C LYS A 17 -3.90 4.54 -5.35
N CYS A 18 -3.01 4.60 -4.36
CA CYS A 18 -2.28 5.84 -4.10
C CYS A 18 -1.38 6.19 -5.28
N LYS A 20 1.90 4.76 -5.55
CA LYS A 20 3.16 4.14 -5.18
C LYS A 20 2.92 2.80 -4.47
N GLY A 21 1.65 2.50 -4.22
CA GLY A 21 1.29 1.25 -3.54
C GLY A 21 2.35 0.18 -3.75
N ARG A 22 2.70 -0.52 -2.67
CA ARG A 22 3.70 -1.58 -2.76
C ARG A 22 3.19 -2.86 -2.09
N GLY A 23 1.96 -2.81 -1.60
CA GLY A 23 1.38 -3.97 -0.93
C GLY A 23 0.45 -4.74 -1.87
N PRO A 24 -0.83 -4.72 -1.59
CA PRO A 24 -1.85 -5.42 -2.42
C PRO A 24 -2.07 -4.71 -3.76
N GLY A 25 -2.62 -5.46 -4.72
CA GLY A 25 -2.88 -4.91 -6.04
C GLY A 25 -3.06 -3.39 -5.97
N GLY A 26 -2.54 -2.70 -6.99
CA GLY A 26 -2.64 -1.25 -7.04
C GLY A 26 -1.97 -0.70 -8.29
N CYS A 27 -2.05 0.62 -8.47
CA CYS A 27 -1.44 1.25 -9.63
C CYS A 27 0.07 1.01 -9.65
N TYR A 28 0.83 2.01 -9.20
CA TYR A 28 2.27 1.89 -9.17
C TYR A 28 2.77 0.95 -10.25
N CYS A 1 -7.24 -3.07 7.47
CA CYS A 1 -5.80 -2.83 7.13
C CYS A 1 -5.65 -1.44 6.54
N CYS A 2 -4.45 -0.89 6.65
CA CYS A 2 -4.19 0.44 6.12
C CYS A 2 -3.42 0.35 4.80
N ILE A 3 -2.53 -0.63 4.71
CA ILE A 3 -1.74 -0.82 3.50
C ILE A 3 -2.09 -2.15 2.85
N GLY A 5 -1.00 -4.85 3.44
CA GLY A 5 0.10 -5.76 3.76
C GLY A 5 0.68 -5.43 5.14
N GLU A 6 1.99 -5.59 5.28
CA GLU A 6 2.65 -5.32 6.54
C GLU A 6 4.13 -5.02 6.31
N SER A 7 4.41 -3.95 5.56
CA SER A 7 5.79 -3.57 5.27
C SER A 7 5.96 -2.06 5.41
N PRO A 8 5.36 -1.31 4.53
CA PRO A 8 5.45 0.18 4.55
C PRO A 8 4.77 0.78 5.77
N GLY A 9 3.87 0.02 6.38
CA GLY A 9 3.15 0.49 7.56
C GLY A 9 2.46 1.82 7.27
N ALA A 11 1.63 3.95 5.04
CA ALA A 11 1.87 4.36 3.67
C ALA A 11 0.55 4.61 2.95
N PRO A 12 -0.21 5.57 3.41
CA PRO A 12 -1.52 5.92 2.82
C PRO A 12 -1.50 5.90 1.30
N ASN A 14 1.09 5.72 -0.34
CA ASN A 14 2.25 4.93 -0.71
C ASN A 14 1.87 3.47 -0.92
N ASP A 15 0.70 3.09 -0.43
CA ASP A 15 0.22 1.72 -0.58
C ASP A 15 -1.28 1.64 -0.29
N TYR A 16 -1.84 0.45 -0.47
CA TYR A 16 -3.27 0.24 -0.23
C TYR A 16 -4.07 0.53 -1.49
N LYS A 17 -4.56 1.76 -1.60
CA LYS A 17 -5.36 2.15 -2.76
C LYS A 17 -4.50 2.93 -3.77
N CYS A 18 -3.23 3.13 -3.42
CA CYS A 18 -2.33 3.86 -4.30
C CYS A 18 -1.30 2.92 -4.91
N LYS A 20 1.48 3.74 -5.64
CA LYS A 20 2.78 4.25 -5.22
C LYS A 20 3.36 3.42 -4.10
N GLY A 21 3.32 2.10 -4.27
CA GLY A 21 3.84 1.19 -3.26
C GLY A 21 4.28 -0.13 -3.89
N ARG A 22 5.29 -0.75 -3.29
CA ARG A 22 5.81 -2.02 -3.81
C ARG A 22 5.16 -3.20 -3.09
N GLY A 23 4.37 -2.88 -2.06
CA GLY A 23 3.69 -3.92 -1.29
C GLY A 23 2.47 -4.45 -2.05
N PRO A 24 1.36 -4.53 -1.38
CA PRO A 24 0.09 -5.03 -1.98
C PRO A 24 -0.39 -4.17 -3.15
N GLY A 25 -1.05 -4.79 -4.11
CA GLY A 25 -1.55 -4.06 -5.27
C GLY A 25 -2.42 -2.89 -4.85
N GLY A 26 -3.57 -2.75 -5.49
CA GLY A 26 -4.50 -1.67 -5.17
C GLY A 26 -3.87 -0.32 -5.48
N CYS A 27 -3.65 -0.04 -6.76
CA CYS A 27 -3.06 1.22 -7.18
C CYS A 27 -4.14 2.25 -7.49
N TYR A 28 -3.87 3.50 -7.13
CA TYR A 28 -4.83 4.58 -7.38
C TYR A 28 -6.18 4.25 -6.74
N CYS A 1 -7.01 -3.32 9.29
CA CYS A 1 -5.58 -2.98 9.10
C CYS A 1 -5.45 -1.73 8.26
N CYS A 2 -4.29 -1.09 8.34
CA CYS A 2 -4.04 0.11 7.57
C CYS A 2 -2.97 -0.16 6.50
N ILE A 3 -3.42 -0.40 5.28
CA ILE A 3 -2.50 -0.68 4.18
C ILE A 3 -2.21 -2.18 4.12
N GLY A 5 -0.07 -3.78 5.24
CA GLY A 5 1.34 -3.98 5.56
C GLY A 5 2.22 -3.39 4.48
N GLU A 6 2.96 -4.24 3.77
CA GLU A 6 3.85 -3.79 2.72
C GLU A 6 5.18 -3.33 3.30
N SER A 7 5.17 -2.99 4.59
CA SER A 7 6.38 -2.53 5.25
C SER A 7 6.03 -1.53 6.36
N PRO A 8 5.60 -0.36 5.99
CA PRO A 8 5.23 0.71 6.96
C PRO A 8 3.99 0.35 7.78
N GLY A 9 3.14 -0.50 7.20
CA GLY A 9 1.93 -0.93 7.88
C GLY A 9 1.10 0.28 8.32
N ALA A 11 1.07 3.35 5.65
CA ALA A 11 1.52 4.37 4.72
C ALA A 11 0.49 4.58 3.62
N PRO A 12 -0.59 5.23 3.93
CA PRO A 12 -1.68 5.53 2.96
C PRO A 12 -1.18 6.29 1.73
N ASN A 14 0.49 4.98 -0.37
CA ASN A 14 1.73 4.30 -0.68
C ASN A 14 1.49 2.81 -0.91
N ASP A 15 0.21 2.44 -1.04
CA ASP A 15 -0.14 1.05 -1.25
C ASP A 15 -1.45 0.94 -2.04
N TYR A 16 -2.54 0.67 -1.33
CA TYR A 16 -3.84 0.56 -1.97
C TYR A 16 -4.29 1.90 -2.51
N LYS A 17 -4.69 1.93 -3.77
CA LYS A 17 -5.14 3.16 -4.40
C LYS A 17 -3.95 4.07 -4.69
N CYS A 18 -2.75 3.53 -4.58
CA CYS A 18 -1.54 4.30 -4.83
C CYS A 18 -0.45 3.42 -5.44
N LYS A 20 2.35 3.83 -5.49
CA LYS A 20 3.58 4.10 -4.78
C LYS A 20 3.94 2.95 -3.84
N GLY A 21 3.07 1.94 -3.79
CA GLY A 21 3.30 0.78 -2.95
C GLY A 21 3.67 -0.44 -3.77
N ARG A 22 4.77 -1.08 -3.42
CA ARG A 22 5.23 -2.27 -4.13
C ARG A 22 4.23 -3.41 -3.95
N GLY A 23 3.71 -3.55 -2.74
CA GLY A 23 2.75 -4.61 -2.44
C GLY A 23 1.64 -4.63 -3.49
N PRO A 24 1.12 -5.80 -3.77
CA PRO A 24 0.02 -5.98 -4.76
C PRO A 24 -1.32 -5.47 -4.25
N GLY A 25 -2.23 -5.19 -5.18
CA GLY A 25 -3.55 -4.69 -4.80
C GLY A 25 -3.83 -3.34 -5.46
N GLY A 26 -4.46 -2.44 -4.70
CA GLY A 26 -4.78 -1.12 -5.22
C GLY A 26 -3.52 -0.38 -5.64
N CYS A 27 -3.58 0.26 -6.80
CA CYS A 27 -2.43 1.01 -7.30
C CYS A 27 -2.89 2.15 -8.21
N TYR A 28 -3.07 3.33 -7.61
CA TYR A 28 -3.50 4.49 -8.37
C TYR A 28 -4.21 5.49 -7.46
N CYS A 1 -5.38 -4.10 9.91
CA CYS A 1 -3.99 -3.86 9.41
C CYS A 1 -3.96 -2.53 8.65
N CYS A 2 -2.84 -1.83 8.76
CA CYS A 2 -2.69 -0.54 8.09
C CYS A 2 -2.95 -0.70 6.59
N ILE A 3 -2.34 -1.73 6.02
CA ILE A 3 -2.51 -2.01 4.59
C ILE A 3 -2.64 -3.51 4.36
N GLY A 5 -0.30 -5.57 6.36
CA GLY A 5 0.95 -6.07 6.93
C GLY A 5 1.99 -6.33 5.86
N GLU A 6 1.81 -5.75 4.69
CA GLU A 6 2.75 -5.93 3.59
C GLU A 6 3.45 -4.62 3.28
N SER A 7 2.96 -3.54 3.88
CA SER A 7 3.54 -2.23 3.65
C SER A 7 4.34 -1.76 4.87
N PRO A 8 5.07 -0.69 4.73
CA PRO A 8 5.90 -0.13 5.83
C PRO A 8 5.05 0.40 6.98
N GLY A 9 3.80 0.73 6.68
CA GLY A 9 2.89 1.25 7.70
C GLY A 9 1.70 1.96 7.07
N ALA A 11 1.09 4.35 5.59
CA ALA A 11 1.35 4.73 4.20
C ALA A 11 0.05 4.98 3.46
N PRO A 12 -0.69 5.97 3.90
CA PRO A 12 -1.99 6.33 3.29
C PRO A 12 -1.91 6.37 1.77
N ASN A 14 0.66 6.00 0.04
CA ASN A 14 1.90 5.33 -0.31
C ASN A 14 1.64 3.86 -0.65
N ASP A 15 0.45 3.39 -0.32
CA ASP A 15 0.09 2.00 -0.59
C ASP A 15 -1.36 1.90 -1.03
N TYR A 16 -1.65 0.95 -1.91
CA TYR A 16 -3.01 0.76 -2.42
C TYR A 16 -3.20 1.53 -3.74
N LYS A 17 -4.35 2.17 -3.87
CA LYS A 17 -4.63 2.95 -5.07
C LYS A 17 -3.89 4.28 -5.05
N CYS A 18 -2.91 4.38 -4.16
CA CYS A 18 -2.12 5.60 -4.04
C CYS A 18 -1.35 5.87 -5.33
N LYS A 20 1.85 4.65 -5.60
CA LYS A 20 3.22 4.31 -5.22
C LYS A 20 3.23 3.08 -4.32
N GLY A 21 2.09 2.43 -4.19
CA GLY A 21 1.99 1.24 -3.34
C GLY A 21 2.84 0.11 -3.89
N ARG A 22 3.43 -0.67 -2.98
CA ARG A 22 4.28 -1.78 -3.38
C ARG A 22 3.67 -3.12 -2.94
N GLY A 23 2.52 -3.04 -2.26
CA GLY A 23 1.85 -4.25 -1.80
C GLY A 23 0.77 -4.69 -2.78
N PRO A 24 0.05 -5.72 -2.46
CA PRO A 24 -1.04 -6.26 -3.33
C PRO A 24 -2.13 -5.22 -3.58
N GLY A 25 -2.68 -5.23 -4.79
CA GLY A 25 -3.74 -4.29 -5.15
C GLY A 25 -3.17 -2.89 -5.37
N GLY A 26 -4.04 -1.93 -5.65
CA GLY A 26 -3.61 -0.56 -5.89
C GLY A 26 -3.29 -0.34 -7.36
N CYS A 27 -3.11 0.93 -7.73
CA CYS A 27 -2.79 1.27 -9.11
C CYS A 27 -1.42 0.72 -9.50
N TYR A 28 -0.42 1.02 -8.68
CA TYR A 28 0.94 0.55 -8.94
C TYR A 28 1.32 0.79 -10.40
N CYS A 1 -0.92 -3.39 11.28
CA CYS A 1 -0.74 -3.09 9.83
C CYS A 1 -1.91 -2.24 9.35
N CYS A 2 -1.59 -1.11 8.73
CA CYS A 2 -2.64 -0.22 8.21
C CYS A 2 -3.27 -0.83 6.97
N ILE A 3 -2.45 -1.40 6.10
CA ILE A 3 -2.95 -2.02 4.88
C ILE A 3 -3.05 -3.53 5.04
N GLY A 5 0.13 -5.40 4.21
CA GLY A 5 1.21 -5.89 3.35
C GLY A 5 2.57 -5.45 3.85
N GLU A 6 3.40 -4.96 2.94
CA GLU A 6 4.74 -4.49 3.30
C GLU A 6 4.74 -2.99 3.49
N SER A 7 3.61 -2.36 3.16
CA SER A 7 3.49 -0.92 3.30
C SER A 7 3.80 -0.49 4.71
N PRO A 8 4.45 0.64 4.87
CA PRO A 8 4.82 1.18 6.21
C PRO A 8 3.62 1.29 7.14
N GLY A 9 2.48 1.68 6.57
CA GLY A 9 1.26 1.81 7.35
C GLY A 9 0.20 2.58 6.58
N ALA A 11 0.00 4.73 4.94
CA ALA A 11 0.43 5.02 3.59
C ALA A 11 -0.65 5.80 2.85
N PRO A 12 -0.84 7.04 3.21
CA PRO A 12 -1.84 7.94 2.57
C PRO A 12 -1.57 8.11 1.09
N ASN A 14 1.14 5.77 -0.19
CA ASN A 14 2.12 4.71 -0.33
C ASN A 14 1.47 3.36 -0.05
N ASP A 15 0.14 3.30 -0.20
CA ASP A 15 -0.59 2.07 0.05
C ASP A 15 -1.20 1.53 -1.24
N TYR A 16 -2.27 0.76 -1.12
CA TYR A 16 -2.93 0.19 -2.28
C TYR A 16 -3.56 1.29 -3.14
N LYS A 17 -3.26 2.54 -2.79
CA LYS A 17 -3.79 3.67 -3.54
C LYS A 17 -2.69 4.67 -3.89
N CYS A 18 -1.48 4.15 -4.12
CA CYS A 18 -0.35 5.02 -4.46
C CYS A 18 0.81 4.20 -5.04
N LYS A 20 1.86 1.81 -4.54
CA LYS A 20 2.53 1.04 -3.48
C LYS A 20 1.54 0.61 -2.40
N GLY A 21 1.02 -0.59 -2.52
CA GLY A 21 0.07 -1.11 -1.54
C GLY A 21 0.59 -2.39 -0.89
N ARG A 22 -0.31 -3.35 -0.67
CA ARG A 22 0.07 -4.60 -0.05
C ARG A 22 1.12 -5.33 -0.88
N GLY A 23 0.91 -5.34 -2.19
CA GLY A 23 1.84 -6.00 -3.10
C GLY A 23 1.49 -5.68 -4.56
N PRO A 24 1.02 -6.65 -5.29
CA PRO A 24 0.64 -6.46 -6.72
C PRO A 24 -0.46 -5.41 -6.88
N GLY A 25 -0.38 -4.62 -7.95
CA GLY A 25 -1.37 -3.60 -8.20
C GLY A 25 -1.50 -2.68 -7.00
N GLY A 26 -2.74 -2.38 -6.61
CA GLY A 26 -2.97 -1.51 -5.45
C GLY A 26 -2.42 -0.12 -5.71
N CYS A 27 -2.49 0.32 -6.96
CA CYS A 27 -1.99 1.64 -7.31
C CYS A 27 -3.06 2.70 -7.09
N TYR A 28 -2.63 3.96 -7.08
CA TYR A 28 -3.57 5.07 -6.87
C TYR A 28 -4.98 4.66 -7.24
N CYS A 1 -5.15 -3.62 7.79
CA CYS A 1 -4.19 -4.12 6.76
C CYS A 1 -3.47 -2.93 6.12
N CYS A 2 -4.13 -1.78 6.11
CA CYS A 2 -3.53 -0.59 5.52
C CYS A 2 -3.07 -0.87 4.09
N ILE A 3 -1.86 -1.38 3.96
CA ILE A 3 -1.30 -1.69 2.65
C ILE A 3 -1.46 -3.17 2.34
N GLY A 5 -0.54 -5.39 4.74
CA GLY A 5 0.39 -6.03 5.65
C GLY A 5 1.80 -6.05 5.07
N GLU A 6 2.35 -4.87 4.80
CA GLU A 6 3.68 -4.76 4.23
C GLU A 6 4.68 -4.44 5.32
N SER A 7 4.61 -3.21 5.82
CA SER A 7 5.52 -2.78 6.87
C SER A 7 4.94 -1.60 7.63
N PRO A 8 4.81 -0.47 6.98
CA PRO A 8 4.25 0.77 7.60
C PRO A 8 2.79 0.61 7.98
N GLY A 9 2.12 -0.34 7.33
CA GLY A 9 0.70 -0.59 7.63
C GLY A 9 -0.07 0.71 7.80
N ALA A 11 1.00 3.72 5.55
CA ALA A 11 1.64 4.58 4.56
C ALA A 11 0.64 5.03 3.51
N PRO A 12 -0.08 6.07 3.78
CA PRO A 12 -1.09 6.62 2.83
C PRO A 12 -0.47 6.95 1.47
N ASN A 14 1.01 5.28 -0.25
CA ASN A 14 2.28 4.57 -0.36
C ASN A 14 2.10 3.27 -1.13
N ASP A 15 0.90 2.67 -1.03
CA ASP A 15 0.62 1.43 -1.72
C ASP A 15 -0.84 1.36 -2.16
N TYR A 16 -1.74 1.24 -1.19
CA TYR A 16 -3.16 1.17 -1.49
C TYR A 16 -3.66 2.49 -2.07
N LYS A 17 -4.39 2.40 -3.17
CA LYS A 17 -4.91 3.60 -3.82
C LYS A 17 -3.79 4.41 -4.45
N CYS A 18 -2.60 3.81 -4.52
CA CYS A 18 -1.46 4.49 -5.10
C CYS A 18 -0.73 3.57 -6.06
N LYS A 20 1.97 3.64 -6.92
CA LYS A 20 3.39 3.62 -6.56
C LYS A 20 3.89 2.19 -6.42
N GLY A 21 3.06 1.34 -5.83
CA GLY A 21 3.42 -0.05 -5.62
C GLY A 21 4.13 -0.24 -4.28
N ARG A 22 4.96 -1.28 -4.20
CA ARG A 22 5.70 -1.56 -2.97
C ARG A 22 4.75 -2.06 -1.89
N GLY A 23 4.09 -3.17 -2.16
CA GLY A 23 3.15 -3.75 -1.20
C GLY A 23 1.75 -3.80 -1.80
N PRO A 24 1.36 -4.94 -2.30
CA PRO A 24 0.01 -5.14 -2.92
C PRO A 24 -1.13 -4.87 -1.92
N GLY A 25 -2.22 -4.33 -2.43
CA GLY A 25 -3.38 -4.03 -1.59
C GLY A 25 -4.29 -3.01 -2.26
N GLY A 26 -3.70 -2.07 -2.98
CA GLY A 26 -4.47 -1.05 -3.67
C GLY A 26 -3.56 -0.17 -4.53
N CYS A 27 -4.17 0.59 -5.43
CA CYS A 27 -3.41 1.48 -6.30
C CYS A 27 -4.28 2.64 -6.77
N TYR A 28 -3.65 3.78 -7.07
CA TYR A 28 -4.38 4.95 -7.53
C TYR A 28 -5.78 5.00 -6.91
#